data_4C1A
#
_entry.id   4C1A
#
_cell.length_a   23.730
_cell.length_b   52.420
_cell.length_c   51.830
_cell.angle_alpha   90.00
_cell.angle_beta   99.78
_cell.angle_gamma   90.00
#
_symmetry.space_group_name_H-M   'P 1 21 1'
#
loop_
_entity.id
_entity.type
_entity.pdbx_description
1 polymer 'ORF1-ENCODED PROTEIN'
2 non-polymer GLYCEROL
3 water water
#
_entity_poly.entity_id   1
_entity_poly.type   'polypeptide(L)'
_entity_poly.pdbx_seq_one_letter_code
;GPAMEALELELEEVESQIRALVVRRSRLRERLLAVP
;
_entity_poly.pdbx_strand_id   A,B,C,D
#
loop_
_chem_comp.id
_chem_comp.type
_chem_comp.name
_chem_comp.formula
GOL non-polymer GLYCEROL 'C3 H8 O3'
#
# COMPACT_ATOMS: atom_id res chain seq x y z
N GLY A 1 -20.50 -21.76 -3.17
CA GLY A 1 -21.03 -21.96 -4.49
C GLY A 1 -20.09 -21.43 -5.55
N PRO A 2 -20.52 -21.48 -6.82
CA PRO A 2 -19.73 -21.03 -7.97
C PRO A 2 -19.16 -19.62 -7.83
N ALA A 3 -19.97 -18.70 -7.36
CA ALA A 3 -19.54 -17.32 -7.30
C ALA A 3 -18.44 -17.17 -6.28
N MET A 4 -18.60 -17.75 -5.10
CA MET A 4 -17.53 -17.73 -4.12
C MET A 4 -16.26 -18.42 -4.64
N GLU A 5 -16.41 -19.55 -5.32
CA GLU A 5 -15.25 -20.26 -5.83
C GLU A 5 -14.49 -19.41 -6.83
N ALA A 6 -15.22 -18.67 -7.64
CA ALA A 6 -14.57 -17.85 -8.66
C ALA A 6 -13.77 -16.75 -8.02
N LEU A 7 -14.38 -16.08 -7.05
CA LEU A 7 -13.73 -15.00 -6.33
C LEU A 7 -12.52 -15.48 -5.56
N GLU A 8 -12.60 -16.66 -4.95
CA GLU A 8 -11.47 -17.22 -4.21
C GLU A 8 -10.29 -17.49 -5.12
N LEU A 9 -10.55 -17.99 -6.32
CA LEU A 9 -9.50 -18.19 -7.28
C LEU A 9 -8.84 -16.88 -7.69
N GLU A 10 -9.66 -15.87 -7.94
CA GLU A 10 -9.15 -14.58 -8.34
C GLU A 10 -8.32 -14.03 -7.23
N LEU A 11 -8.78 -14.19 -5.99
CA LEU A 11 -7.96 -13.72 -4.87
C LEU A 11 -6.60 -14.44 -4.79
N GLU A 12 -6.58 -15.73 -5.00
CA GLU A 12 -5.32 -16.46 -4.98
C GLU A 12 -4.37 -15.99 -6.07
N GLU A 13 -4.90 -15.68 -7.25
CA GLU A 13 -4.08 -15.15 -8.33
C GLU A 13 -3.46 -13.82 -7.99
N VAL A 14 -4.27 -12.91 -7.48
CA VAL A 14 -3.80 -11.57 -7.21
C VAL A 14 -2.74 -11.62 -6.11
N GLU A 15 -2.96 -12.45 -5.11
CA GLU A 15 -1.97 -12.61 -4.04
C GLU A 15 -0.64 -13.12 -4.55
N SER A 16 -0.66 -14.12 -5.42
CA SER A 16 0.55 -14.61 -6.05
C SER A 16 1.27 -13.56 -6.90
N GLN A 17 0.52 -12.76 -7.64
CA GLN A 17 1.09 -11.71 -8.48
C GLN A 17 1.74 -10.63 -7.60
N ILE A 18 1.09 -10.30 -6.50
CA ILE A 18 1.67 -9.32 -5.57
C ILE A 18 2.95 -9.87 -5.01
N ARG A 19 2.98 -11.15 -4.64
CA ARG A 19 4.18 -11.69 -3.99
C ARG A 19 5.34 -11.61 -4.94
N ALA A 20 5.08 -11.90 -6.21
CA ALA A 20 6.11 -11.84 -7.25
C ALA A 20 6.65 -10.42 -7.48
N LEU A 21 5.76 -9.43 -7.47
CA LEU A 21 6.14 -8.05 -7.63
C LEU A 21 6.95 -7.58 -6.45
N VAL A 22 6.60 -8.06 -5.27
CA VAL A 22 7.33 -7.69 -4.07
C VAL A 22 8.73 -8.26 -4.10
N VAL A 23 8.90 -9.49 -4.59
CA VAL A 23 10.25 -10.03 -4.77
C VAL A 23 11.07 -9.20 -5.75
N ARG A 24 10.43 -8.75 -6.83
CA ARG A 24 11.08 -7.91 -7.82
C ARG A 24 11.48 -6.56 -7.20
N ARG A 25 10.59 -5.98 -6.43
CA ARG A 25 10.84 -4.73 -5.76
C ARG A 25 12.03 -4.89 -4.84
N SER A 26 12.10 -6.00 -4.09
CA SER A 26 13.23 -6.16 -3.18
C SER A 26 14.52 -6.26 -3.95
N ARG A 27 14.49 -6.95 -5.09
CA ARG A 27 15.69 -7.14 -5.89
C ARG A 27 16.14 -5.81 -6.48
N LEU A 28 15.19 -5.01 -6.96
CA LEU A 28 15.54 -3.73 -7.54
C LEU A 28 16.09 -2.79 -6.48
N ARG A 29 15.49 -2.77 -5.30
CA ARG A 29 16.05 -1.96 -4.21
C ARG A 29 17.45 -2.41 -3.88
N GLU A 30 17.74 -3.71 -3.84
CA GLU A 30 19.10 -4.15 -3.58
C GLU A 30 20.08 -3.60 -4.63
N ARG A 31 19.65 -3.63 -5.86
CA ARG A 31 20.49 -3.17 -6.94
C ARG A 31 20.73 -1.69 -6.86
N LEU A 32 19.69 -0.98 -6.47
CA LEU A 32 19.77 0.48 -6.39
C LEU A 32 20.88 0.83 -5.42
N LEU A 33 21.04 0.03 -4.38
CA LEU A 33 22.05 0.30 -3.38
C LEU A 33 23.47 -0.13 -3.84
N ALA A 34 23.56 -0.73 -5.03
CA ALA A 34 24.81 -1.30 -5.57
C ALA A 34 25.41 -0.52 -6.72
N VAL A 35 24.80 0.61 -7.06
CA VAL A 35 25.33 1.43 -8.14
C VAL A 35 25.72 2.78 -7.55
N PRO A 36 26.53 3.56 -8.29
CA PRO A 36 26.84 4.90 -7.78
C PRO A 36 25.61 5.78 -7.61
N GLY B 1 23.59 8.51 -11.07
CA GLY B 1 23.88 8.48 -12.50
C GLY B 1 22.79 7.72 -13.23
N PRO B 2 23.02 7.35 -14.49
CA PRO B 2 22.04 6.66 -15.33
C PRO B 2 21.56 5.32 -14.76
N ALA B 3 22.44 4.58 -14.09
CA ALA B 3 21.98 3.28 -13.58
C ALA B 3 20.99 3.47 -12.46
N MET B 4 21.25 4.43 -11.59
CA MET B 4 20.33 4.70 -10.50
C MET B 4 19.01 5.21 -11.07
N GLU B 5 19.08 6.08 -12.09
CA GLU B 5 17.87 6.61 -12.69
C GLU B 5 16.98 5.53 -13.30
N ALA B 6 17.61 4.56 -13.93
CA ALA B 6 16.91 3.44 -14.53
C ALA B 6 16.24 2.57 -13.47
N LEU B 7 16.96 2.22 -12.41
CA LEU B 7 16.39 1.42 -11.35
C LEU B 7 15.25 2.13 -10.62
N GLU B 8 15.38 3.45 -10.47
CA GLU B 8 14.34 4.22 -9.80
C GLU B 8 13.05 4.18 -10.63
N LEU B 9 13.18 4.29 -11.95
CA LEU B 9 12.02 4.16 -12.84
C LEU B 9 11.34 2.82 -12.74
N GLU B 10 12.13 1.75 -12.77
CA GLU B 10 11.57 0.40 -12.64
C GLU B 10 10.88 0.26 -11.31
N LEU B 11 11.48 0.82 -10.25
CA LEU B 11 10.85 0.79 -8.92
C LEU B 11 9.50 1.54 -8.89
N GLU B 12 9.43 2.67 -9.58
CA GLU B 12 8.14 3.38 -9.68
C GLU B 12 7.07 2.54 -10.39
N GLU B 13 7.46 1.89 -11.48
CA GLU B 13 6.58 1.02 -12.23
C GLU B 13 6.06 -0.11 -11.36
N VAL B 14 6.96 -0.81 -10.67
CA VAL B 14 6.56 -1.93 -9.83
C VAL B 14 5.67 -1.47 -8.72
N GLU B 15 5.99 -0.34 -8.11
CA GLU B 15 5.12 0.17 -7.05
C GLU B 15 3.73 0.50 -7.52
N SER B 16 3.59 1.10 -8.71
CA SER B 16 2.27 1.44 -9.23
C SER B 16 1.46 0.16 -9.44
N GLN B 17 2.13 -0.87 -9.99
CA GLN B 17 1.49 -2.16 -10.24
C GLN B 17 1.06 -2.82 -8.93
N ILE B 18 1.93 -2.76 -7.92
CA ILE B 18 1.58 -3.33 -6.61
C ILE B 18 0.39 -2.60 -6.03
N ARG B 19 0.41 -1.27 -6.09
CA ARG B 19 -0.66 -0.52 -5.49
C ARG B 19 -2.01 -0.90 -6.12
N ALA B 20 -2.04 -1.11 -7.43
CA ALA B 20 -3.28 -1.43 -8.13
C ALA B 20 -3.77 -2.83 -7.75
N LEU B 21 -2.83 -3.76 -7.65
CA LEU B 21 -3.16 -5.11 -7.26
C LEU B 21 -3.62 -5.20 -5.84
N VAL B 22 -3.04 -4.38 -4.95
CA VAL B 22 -3.49 -4.32 -3.55
C VAL B 22 -4.94 -3.81 -3.45
N VAL B 23 -5.31 -2.80 -4.26
CA VAL B 23 -6.69 -2.34 -4.28
C VAL B 23 -7.66 -3.45 -4.73
N ARG B 24 -7.24 -4.22 -5.73
CA ARG B 24 -8.07 -5.32 -6.21
C ARG B 24 -8.22 -6.39 -5.13
N ARG B 25 -7.10 -6.73 -4.50
CA ARG B 25 -7.11 -7.68 -3.40
C ARG B 25 -8.11 -7.29 -2.34
N SER B 26 -8.12 -6.01 -1.98
CA SER B 26 -9.05 -5.48 -1.02
C SER B 26 -10.50 -5.62 -1.47
N ARG B 27 -10.75 -5.33 -2.74
CA ARG B 27 -12.10 -5.42 -3.26
C ARG B 27 -12.59 -6.86 -3.28
N LEU B 28 -11.70 -7.78 -3.62
CA LEU B 28 -12.10 -9.18 -3.69
C LEU B 28 -12.34 -9.70 -2.27
N ARG B 29 -11.45 -9.34 -1.35
CA ARG B 29 -11.60 -9.79 0.05
C ARG B 29 -12.92 -9.29 0.62
N GLU B 30 -13.23 -8.03 0.35
CA GLU B 30 -14.50 -7.43 0.74
C GLU B 30 -15.69 -8.25 0.25
N ARG B 31 -15.69 -8.59 -1.03
CA ARG B 31 -16.78 -9.41 -1.58
C ARG B 31 -16.94 -10.73 -0.84
N LEU B 32 -15.84 -11.44 -0.64
CA LEU B 32 -15.88 -12.71 0.08
C LEU B 32 -16.33 -12.54 1.53
N LEU B 33 -15.87 -11.48 2.19
CA LEU B 33 -16.29 -11.24 3.56
C LEU B 33 -17.74 -10.74 3.59
N ALA B 34 -18.30 -10.42 2.42
CA ALA B 34 -19.70 -10.00 2.34
C ALA B 34 -20.63 -11.20 2.14
N VAL B 35 -20.06 -12.40 2.20
CA VAL B 35 -20.81 -13.64 2.12
C VAL B 35 -21.19 -14.08 3.53
N GLY C 1 6.11 30.79 -1.16
CA GLY C 1 5.87 30.68 -2.58
C GLY C 1 5.15 29.40 -2.97
N PRO C 2 5.14 29.05 -4.26
CA PRO C 2 4.46 27.83 -4.73
C PRO C 2 4.89 26.57 -3.97
N ALA C 3 6.18 26.48 -3.67
CA ALA C 3 6.73 25.30 -3.00
C ALA C 3 6.19 25.15 -1.57
N MET C 4 6.14 26.24 -0.82
CA MET C 4 5.59 26.22 0.54
C MET C 4 4.10 25.88 0.55
N GLU C 5 3.36 26.46 -0.39
CA GLU C 5 1.94 26.21 -0.47
C GLU C 5 1.70 24.73 -0.80
N ALA C 6 2.54 24.19 -1.68
CA ALA C 6 2.44 22.77 -2.10
C ALA C 6 2.68 21.88 -0.91
N LEU C 7 3.72 22.21 -0.13
CA LEU C 7 4.05 21.44 1.07
C LEU C 7 2.91 21.47 2.09
N GLU C 8 2.32 22.64 2.35
CA GLU C 8 1.22 22.70 3.30
C GLU C 8 0.05 21.84 2.87
N LEU C 9 -0.30 21.97 1.60
CA LEU C 9 -1.45 21.25 1.06
C LEU C 9 -1.14 19.76 1.03
N GLU C 10 0.09 19.39 0.74
CA GLU C 10 0.42 17.98 0.73
C GLU C 10 0.45 17.38 2.13
N LEU C 11 0.90 18.16 3.09
CA LEU C 11 0.87 17.73 4.48
C LEU C 11 -0.61 17.48 4.87
N GLU C 12 -1.47 18.41 4.53
CA GLU C 12 -2.90 18.19 4.82
C GLU C 12 -3.46 16.93 4.15
N GLU C 13 -3.10 16.69 2.90
CA GLU C 13 -3.55 15.49 2.20
C GLU C 13 -3.07 14.22 2.92
N VAL C 14 -1.81 14.18 3.31
CA VAL C 14 -1.29 13.02 4.03
C VAL C 14 -2.02 12.81 5.34
N GLU C 15 -2.29 13.89 6.04
CA GLU C 15 -3.04 13.74 7.30
C GLU C 15 -4.42 13.18 7.05
N SER C 16 -5.07 13.63 5.99
CA SER C 16 -6.39 13.12 5.65
C SER C 16 -6.33 11.64 5.34
N GLN C 17 -5.29 11.24 4.63
CA GLN C 17 -5.11 9.85 4.28
C GLN C 17 -4.90 9.02 5.54
N ILE C 18 -4.14 9.54 6.49
CA ILE C 18 -3.95 8.82 7.74
C ILE C 18 -5.29 8.64 8.46
N ARG C 19 -6.04 9.71 8.59
CA ARG C 19 -7.34 9.62 9.29
C ARG C 19 -8.19 8.55 8.67
N ALA C 20 -8.26 8.48 7.34
CA ALA C 20 -9.10 7.45 6.72
C ALA C 20 -8.60 6.03 6.95
N LEU C 21 -7.30 5.85 6.93
CA LEU C 21 -6.73 4.54 7.17
C LEU C 21 -6.87 4.08 8.59
N VAL C 22 -6.83 5.00 9.53
CA VAL C 22 -7.00 4.66 10.94
C VAL C 22 -8.42 4.19 11.16
N VAL C 23 -9.39 4.86 10.56
CA VAL C 23 -10.78 4.40 10.63
C VAL C 23 -10.86 2.99 10.01
N ARG C 24 -10.23 2.78 8.85
CA ARG C 24 -10.26 1.46 8.21
C ARG C 24 -9.65 0.41 9.12
N ARG C 25 -8.52 0.72 9.72
CA ARG C 25 -7.84 -0.19 10.62
C ARG C 25 -8.80 -0.62 11.74
N SER C 26 -9.51 0.34 12.29
CA SER C 26 -10.38 0.06 13.40
C SER C 26 -11.52 -0.87 13.01
N ARG C 27 -12.04 -0.67 11.82
CA ARG C 27 -13.16 -1.46 11.31
C ARG C 27 -12.72 -2.88 10.96
N LEU C 28 -11.54 -3.01 10.38
CA LEU C 28 -10.97 -4.33 10.08
C LEU C 28 -10.77 -5.08 11.38
N ARG C 29 -10.29 -4.41 12.40
CA ARG C 29 -10.15 -5.06 13.72
C ARG C 29 -11.47 -5.51 14.34
N GLU C 30 -12.48 -4.65 14.27
CA GLU C 30 -13.82 -5.03 14.73
C GLU C 30 -14.28 -6.33 14.01
N ARG C 31 -14.09 -6.39 12.70
CA ARG C 31 -14.54 -7.54 11.91
C ARG C 31 -13.77 -8.80 12.25
N LEU C 32 -12.46 -8.65 12.35
CA LEU C 32 -11.58 -9.76 12.58
C LEU C 32 -11.89 -10.42 13.92
N LEU C 33 -12.26 -9.59 14.90
CA LEU C 33 -12.54 -10.08 16.27
C LEU C 33 -14.00 -10.48 16.47
N ALA C 34 -14.75 -10.53 15.39
CA ALA C 34 -16.15 -11.00 15.42
C ALA C 34 -16.31 -12.28 14.58
N VAL C 35 -15.26 -12.68 13.87
CA VAL C 35 -15.23 -13.95 13.14
C VAL C 35 -15.53 -15.15 14.06
N ALA D 3 -11.72 -16.44 6.30
CA ALA D 3 -12.05 -15.05 6.59
C ALA D 3 -11.06 -14.42 7.56
N MET D 4 -10.72 -15.14 8.61
CA MET D 4 -9.83 -14.64 9.63
C MET D 4 -8.50 -14.26 9.01
N GLU D 5 -7.96 -15.13 8.15
CA GLU D 5 -6.67 -14.83 7.53
C GLU D 5 -6.79 -13.64 6.59
N ALA D 6 -7.93 -13.55 5.91
CA ALA D 6 -8.19 -12.44 5.00
C ALA D 6 -8.20 -11.10 5.75
N LEU D 7 -8.91 -11.06 6.87
CA LEU D 7 -9.01 -9.82 7.62
C LEU D 7 -7.65 -9.48 8.24
N GLU D 8 -6.91 -10.49 8.71
CA GLU D 8 -5.59 -10.27 9.26
C GLU D 8 -4.67 -9.63 8.24
N LEU D 9 -4.73 -10.14 7.03
CA LEU D 9 -3.78 -9.71 6.02
C LEU D 9 -4.12 -8.30 5.50
N GLU D 10 -5.40 -8.01 5.46
CA GLU D 10 -5.86 -6.68 5.11
C GLU D 10 -5.47 -5.70 6.20
N LEU D 11 -5.58 -6.13 7.44
CA LEU D 11 -5.18 -5.28 8.53
C LEU D 11 -3.70 -4.94 8.40
N GLU D 12 -2.87 -5.91 8.08
CA GLU D 12 -1.42 -5.63 7.98
C GLU D 12 -1.11 -4.64 6.86
N GLU D 13 -1.85 -4.75 5.76
CA GLU D 13 -1.65 -3.86 4.65
C GLU D 13 -2.02 -2.43 5.05
N VAL D 14 -3.14 -2.27 5.72
CA VAL D 14 -3.54 -0.93 6.14
C VAL D 14 -2.52 -0.34 7.16
N GLU D 15 -2.09 -1.18 8.08
CA GLU D 15 -1.05 -0.74 9.04
C GLU D 15 0.26 -0.30 8.39
N SER D 16 0.72 -1.05 7.40
CA SER D 16 1.89 -0.64 6.63
C SER D 16 1.73 0.70 5.98
N GLN D 17 0.56 0.94 5.39
CA GLN D 17 0.29 2.21 4.73
C GLN D 17 0.30 3.34 5.77
N ILE D 18 -0.25 3.07 6.95
CA ILE D 18 -0.24 4.09 7.98
C ILE D 18 1.19 4.41 8.40
N ARG D 19 2.01 3.40 8.60
CA ARG D 19 3.41 3.64 8.95
C ARG D 19 4.11 4.50 7.94
N ALA D 20 3.91 4.21 6.67
CA ALA D 20 4.61 4.97 5.59
C ALA D 20 4.12 6.41 5.55
N LEU D 21 2.84 6.61 5.81
CA LEU D 21 2.29 7.96 5.75
C LEU D 21 2.71 8.80 6.93
N VAL D 22 2.83 8.17 8.10
CA VAL D 22 3.30 8.88 9.29
C VAL D 22 4.74 9.37 9.07
N VAL D 23 5.57 8.54 8.48
CA VAL D 23 6.92 8.97 8.13
C VAL D 23 6.83 10.13 7.15
N ARG D 24 6.00 10.00 6.13
CA ARG D 24 5.86 11.05 5.11
C ARG D 24 5.41 12.35 5.76
N ARG D 25 4.45 12.28 6.68
CA ARG D 25 3.97 13.43 7.42
C ARG D 25 5.13 14.14 8.11
N SER D 26 5.98 13.37 8.78
CA SER D 26 7.12 13.94 9.49
C SER D 26 8.10 14.61 8.56
N ARG D 27 8.31 14.03 7.39
CA ARG D 27 9.25 14.61 6.43
C ARG D 27 8.70 15.86 5.76
N LEU D 28 7.40 15.89 5.51
CA LEU D 28 6.80 17.06 4.90
C LEU D 28 6.88 18.21 5.89
N ARG D 29 6.54 17.91 7.14
CA ARG D 29 6.61 18.91 8.21
C ARG D 29 8.02 19.48 8.32
N GLU D 30 9.04 18.62 8.23
CA GLU D 30 10.42 19.10 8.33
C GLU D 30 10.79 20.01 7.16
N ARG D 31 10.42 19.65 5.93
CA ARG D 31 10.68 20.50 4.75
C ARG D 31 9.97 21.83 4.88
N LEU D 32 8.73 21.79 5.37
CA LEU D 32 7.92 22.98 5.51
C LEU D 32 8.49 23.95 6.53
N LEU D 33 8.94 23.43 7.67
CA LEU D 33 9.45 24.27 8.77
C LEU D 33 10.91 24.71 8.54
N ALA D 34 11.46 24.34 7.38
CA ALA D 34 12.75 24.86 6.93
C ALA D 34 12.50 25.74 5.71
C1 GOL E . 1.94 -6.36 -0.27
O1 GOL E . 0.88 -6.85 0.55
C2 GOL E . 2.30 -4.94 0.11
O2 GOL E . 1.20 -4.10 -0.17
C3 GOL E . 3.52 -4.41 -0.64
O3 GOL E . 4.07 -3.32 0.06
H11 GOL E . 1.63 -6.40 -1.32
H12 GOL E . 2.80 -7.00 -0.15
HO1 GOL E . 0.94 -6.45 1.44
H2 GOL E . 2.51 -4.91 1.17
HO2 GOL E . 0.98 -4.16 -1.12
H31 GOL E . 3.22 -4.08 -1.64
H32 GOL E . 4.26 -5.20 -0.75
HO3 GOL E . 4.89 -3.03 -0.38
C1 GOL F . -7.91 1.87 15.68
O1 GOL F . -7.18 2.02 14.48
C2 GOL F . -8.18 0.44 16.12
O2 GOL F . -7.05 -0.34 15.83
C3 GOL F . -8.60 0.40 17.60
O3 GOL F . -9.92 -0.09 17.78
H11 GOL F . -7.37 2.38 16.48
H12 GOL F . -8.87 2.39 15.56
HO1 GOL F . -7.11 2.97 14.25
H2 GOL F . -9.02 0.08 15.54
HO2 GOL F . -6.29 -0.04 16.37
H31 GOL F . -7.92 -0.26 18.14
H32 GOL F . -8.52 1.39 18.03
HO3 GOL F . -10.13 -0.13 18.73
C1 GOL G . -4.36 4.42 15.37
O1 GOL G . -5.02 3.50 16.22
C2 GOL G . -3.36 3.64 14.55
O2 GOL G . -3.83 3.19 13.34
C3 GOL G . -2.07 4.39 14.41
O3 GOL G . -1.32 3.81 15.42
H11 GOL G . -5.08 4.91 14.71
H12 GOL G . -3.85 5.18 15.96
HO1 GOL G . -5.64 3.98 16.81
H2 GOL G . -3.12 2.76 15.15
HO2 GOL G . -3.97 3.95 12.73
H31 GOL G . -1.63 4.23 13.43
H32 GOL G . -2.22 5.45 14.59
HO3 GOL G . -0.59 4.41 15.68
C1 GOL H . 4.40 13.24 12.79
O1 GOL H . 4.20 12.26 11.77
C2 GOL H . 5.33 14.37 12.44
O2 GOL H . 4.49 15.45 12.03
C3 GOL H . 6.25 14.79 13.60
O3 GOL H . 7.50 15.40 13.30
H11 GOL H . 3.42 13.66 13.06
H12 GOL H . 4.78 12.74 13.67
HO1 GOL H . 3.63 11.54 12.11
H2 GOL H . 5.95 14.07 11.61
HO2 GOL H . 3.94 15.74 12.78
H31 GOL H . 5.70 15.49 14.23
H32 GOL H . 6.44 13.91 14.20
HO3 GOL H . 7.94 15.66 14.14
C1 GOL I . 1.27 10.64 13.55
O1 GOL I . 1.92 11.89 13.56
C2 GOL I . -0.11 10.74 12.95
O2 GOL I . -0.28 10.00 11.80
C3 GOL I . -1.11 10.20 13.89
O3 GOL I . -1.61 11.28 14.60
H11 GOL I . 1.87 9.92 12.98
H12 GOL I . 1.20 10.26 14.57
HO1 GOL I . 2.78 11.81 14.00
H2 GOL I . -0.32 11.78 12.77
HO2 GOL I . -0.15 9.05 11.99
H31 GOL I . -1.91 9.71 13.34
H32 GOL I . -0.66 9.49 14.58
HO3 GOL I . -2.34 11.69 14.10
#